data_9VOI
#
_entry.id   9VOI
#
_cell.length_a   154.483
_cell.length_b   41.583
_cell.length_c   42.188
_cell.angle_alpha   90.000
_cell.angle_beta   96.487
_cell.angle_gamma   90.000
#
_symmetry.space_group_name_H-M   'C 1 2 1'
#
loop_
_entity.id
_entity.type
_entity.pdbx_description
1 polymer 'Vitamin D3 receptor'
2 polymer 'Mediator of RNA polymerase II transcription subunit 1'
3 non-polymer '3-[4-{7-(4-(1,1,1,3,3,3-hexafluoro-2-hydroxypropan-2-yl)phenyl)-1,7-dicarba-closo-dodecaboran-1-yl}phenoxy]propionic acid'
4 water water
#
loop_
_entity_poly.entity_id
_entity_poly.type
_entity_poly.pdbx_seq_one_letter_code
_entity_poly.pdbx_strand_id
1 'polypeptide(L)'
;GSHMGSPNSPLKDSLRPKLSEEQQHIIAILLDAHHKTYDPTYADFRDFRPPVRMDGSTGSVTLDLSPLSMLPHLADLVSY
SIQKVIGFAKMIPGFRDLTSDDQIVLLKSSAIEVIMLRSNQSFTMDDMSWDCGSQDYKYDVTDVSKAGHTLELIEPLIKF
QVGLKKLNLHEEEHVLLMAICIVSPDRPGVQDAKLVEAIQDRLSNTLQTYIRCRHPPPGSHQLYAKMIQKLADLRSLNEE
HSKQYRSLSFQPENSMKLTPLVLEVFGNEIS
;
A
2 'polypeptide(L)' KNHPMLMNLLKDN C
#
loop_
_chem_comp.id
_chem_comp.type
_chem_comp.name
_chem_comp.formula
A1MAX non-polymer '3-[4-{7-(4-(1,1,1,3,3,3-hexafluoro-2-hydroxypropan-2-yl)phenyl)-1,7-dicarba-closo-dodecaboran-1-yl}phenoxy]propionic acid' 'C20 H24 B10 F6 O4'
#
# COMPACT_ATOMS: atom_id res chain seq x y z
N LYS A 18 17.72 -14.29 19.11
CA LYS A 18 16.87 -13.26 19.70
C LYS A 18 15.48 -13.25 19.07
N LEU A 19 15.39 -13.73 17.84
CA LEU A 19 14.12 -13.81 17.12
C LEU A 19 13.29 -14.92 17.74
N SER A 20 12.33 -14.54 18.59
CA SER A 20 11.55 -15.52 19.33
C SER A 20 10.73 -16.39 18.39
N GLU A 21 10.22 -17.50 18.91
N GLU A 21 10.23 -17.51 18.93
CA GLU A 21 9.33 -18.35 18.12
CA GLU A 21 9.32 -18.37 18.20
C GLU A 21 8.06 -17.61 17.74
C GLU A 21 8.09 -17.60 17.74
N GLU A 22 7.58 -16.72 18.61
CA GLU A 22 6.42 -15.90 18.27
C GLU A 22 6.72 -14.99 17.09
N GLN A 23 7.94 -14.45 17.02
CA GLN A 23 8.28 -13.49 15.98
C GLN A 23 8.48 -14.16 14.62
N GLN A 24 9.07 -15.36 14.62
CA GLN A 24 9.15 -16.13 13.38
C GLN A 24 7.76 -16.49 12.87
N HIS A 25 6.86 -16.83 13.79
CA HIS A 25 5.48 -17.14 13.41
C HIS A 25 4.81 -15.95 12.75
N ILE A 26 5.01 -14.75 13.31
CA ILE A 26 4.43 -13.54 12.73
C ILE A 26 4.95 -13.33 11.32
N ILE A 27 6.26 -13.47 11.12
CA ILE A 27 6.84 -13.32 9.78
C ILE A 27 6.25 -14.35 8.82
N ALA A 28 6.14 -15.60 9.27
CA ALA A 28 5.59 -16.65 8.41
C ALA A 28 4.16 -16.32 7.99
N ILE A 29 3.34 -15.79 8.91
CA ILE A 29 1.96 -15.44 8.58
C ILE A 29 1.94 -14.32 7.54
N LEU A 30 2.73 -13.28 7.76
CA LEU A 30 2.74 -12.14 6.84
C LEU A 30 3.29 -12.54 5.48
N LEU A 31 4.33 -13.38 5.45
CA LEU A 31 4.82 -13.89 4.17
C LEU A 31 3.74 -14.66 3.44
N ASP A 32 2.98 -15.49 4.16
CA ASP A 32 1.88 -16.23 3.56
C ASP A 32 0.77 -15.28 3.11
N ALA A 33 0.44 -14.29 3.94
CA ALA A 33 -0.62 -13.35 3.59
C ALA A 33 -0.28 -12.59 2.32
N HIS A 34 0.98 -12.18 2.17
CA HIS A 34 1.40 -11.48 0.96
C HIS A 34 1.34 -12.41 -0.25
N HIS A 35 1.79 -13.65 -0.10
CA HIS A 35 1.78 -14.59 -1.22
C HIS A 35 0.36 -14.90 -1.67
N LYS A 36 -0.60 -14.88 -0.75
CA LYS A 36 -1.99 -15.17 -1.11
C LYS A 36 -2.69 -13.98 -1.75
N THR A 37 -2.13 -12.77 -1.63
CA THR A 37 -2.81 -11.57 -2.09
C THR A 37 -2.02 -10.77 -3.13
N TYR A 38 -0.84 -11.22 -3.53
CA TYR A 38 -0.07 -10.58 -4.59
C TYR A 38 0.16 -11.60 -5.69
N ASP A 39 -0.43 -11.35 -6.86
CA ASP A 39 -0.28 -12.22 -8.01
C ASP A 39 0.82 -11.69 -8.90
N PRO A 40 2.02 -12.29 -8.88
CA PRO A 40 3.11 -11.79 -9.73
C PRO A 40 2.93 -12.08 -11.21
N THR A 41 1.88 -12.78 -11.61
CA THR A 41 1.56 -12.94 -13.02
C THR A 41 0.66 -11.84 -13.55
N TYR A 42 0.00 -11.10 -12.66
CA TYR A 42 -0.87 -9.99 -13.03
C TYR A 42 -1.96 -10.42 -14.01
N ALA A 43 -2.39 -11.68 -13.89
CA ALA A 43 -3.36 -12.24 -14.83
C ALA A 43 -4.67 -11.47 -14.80
N ASP A 44 -5.09 -11.01 -13.62
CA ASP A 44 -6.38 -10.35 -13.49
C ASP A 44 -6.44 -9.01 -14.21
N PHE A 45 -5.30 -8.45 -14.61
CA PHE A 45 -5.29 -7.16 -15.28
C PHE A 45 -6.07 -7.20 -16.59
N ARG A 46 -6.28 -8.40 -17.15
CA ARG A 46 -7.09 -8.53 -18.36
C ARG A 46 -8.54 -8.12 -18.13
N ASP A 47 -9.02 -8.18 -16.88
CA ASP A 47 -10.40 -7.83 -16.58
C ASP A 47 -10.63 -6.34 -16.47
N PHE A 48 -9.58 -5.53 -16.36
CA PHE A 48 -9.77 -4.10 -16.19
C PHE A 48 -10.22 -3.48 -17.52
N ARG A 49 -10.74 -2.27 -17.43
CA ARG A 49 -10.94 -1.48 -18.63
C ARG A 49 -9.58 -1.26 -19.29
N PRO A 50 -9.51 -1.23 -20.62
CA PRO A 50 -8.22 -1.29 -21.28
C PRO A 50 -7.45 0.00 -21.12
N PRO A 51 -6.13 -0.05 -21.05
CA PRO A 51 -5.35 1.18 -21.05
C PRO A 51 -5.39 1.84 -22.42
N VAL A 52 -5.41 3.16 -22.44
CA VAL A 52 -5.42 3.93 -23.68
C VAL A 52 -4.32 4.98 -23.56
N ARG A 53 -3.39 4.96 -24.52
CA ARG A 53 -2.28 5.90 -24.53
C ARG A 53 -2.27 6.73 -25.81
N PRO A 67 -6.89 14.84 -22.12
CA PRO A 67 -7.82 13.79 -21.69
C PRO A 67 -7.17 12.78 -20.77
N LEU A 68 -7.92 12.31 -19.78
CA LEU A 68 -7.39 11.36 -18.80
C LEU A 68 -7.66 9.93 -19.28
N SER A 69 -6.98 9.59 -20.39
CA SER A 69 -7.23 8.33 -21.08
C SER A 69 -6.82 7.11 -20.26
N MET A 70 -5.93 7.27 -19.29
CA MET A 70 -5.50 6.16 -18.44
C MET A 70 -6.28 6.07 -17.14
N LEU A 71 -7.21 6.99 -16.90
CA LEU A 71 -7.96 6.97 -15.65
C LEU A 71 -8.82 5.72 -15.49
N PRO A 72 -9.60 5.27 -16.48
CA PRO A 72 -10.38 4.03 -16.27
C PRO A 72 -9.54 2.83 -15.91
N HIS A 73 -8.44 2.59 -16.64
CA HIS A 73 -7.62 1.42 -16.39
C HIS A 73 -6.93 1.50 -15.03
N LEU A 74 -6.36 2.66 -14.70
CA LEU A 74 -5.62 2.77 -13.43
C LEU A 74 -6.56 2.84 -12.24
N ALA A 75 -7.79 3.34 -12.43
CA ALA A 75 -8.79 3.27 -11.36
C ALA A 75 -9.18 1.83 -11.09
N ASP A 76 -9.37 1.04 -12.15
CA ASP A 76 -9.63 -0.40 -11.97
C ASP A 76 -8.47 -1.07 -11.26
N LEU A 77 -7.24 -0.70 -11.63
CA LEU A 77 -6.06 -1.29 -10.99
C LEU A 77 -6.03 -0.97 -9.51
N VAL A 78 -6.28 0.30 -9.16
CA VAL A 78 -6.30 0.68 -7.75
C VAL A 78 -7.43 -0.03 -7.02
N SER A 79 -8.60 -0.12 -7.65
CA SER A 79 -9.72 -0.83 -7.04
C SER A 79 -9.35 -2.29 -6.77
N TYR A 80 -8.74 -2.94 -7.76
CA TYR A 80 -8.25 -4.30 -7.57
C TYR A 80 -7.23 -4.37 -6.43
N SER A 81 -6.35 -3.35 -6.34
CA SER A 81 -5.33 -3.36 -5.31
C SER A 81 -5.92 -3.17 -3.91
N ILE A 82 -6.97 -2.37 -3.79
CA ILE A 82 -7.63 -2.19 -2.49
C ILE A 82 -8.11 -3.53 -1.96
N GLN A 83 -8.72 -4.34 -2.84
CA GLN A 83 -9.20 -5.66 -2.41
C GLN A 83 -8.06 -6.53 -1.92
N LYS A 84 -6.93 -6.50 -2.62
CA LYS A 84 -5.76 -7.25 -2.18
C LYS A 84 -5.25 -6.74 -0.84
N VAL A 85 -5.21 -5.42 -0.66
CA VAL A 85 -4.74 -4.85 0.59
C VAL A 85 -5.64 -5.28 1.75
N ILE A 86 -6.96 -5.29 1.52
CA ILE A 86 -7.87 -5.76 2.55
C ILE A 86 -7.60 -7.21 2.89
N GLY A 87 -7.38 -8.05 1.87
CA GLY A 87 -7.08 -9.45 2.13
C GLY A 87 -5.83 -9.61 2.97
N PHE A 88 -4.79 -8.82 2.68
CA PHE A 88 -3.56 -8.89 3.46
C PHE A 88 -3.78 -8.42 4.89
N ALA A 89 -4.46 -7.27 5.04
CA ALA A 89 -4.68 -6.71 6.37
C ALA A 89 -5.43 -7.67 7.28
N LYS A 90 -6.41 -8.40 6.73
CA LYS A 90 -7.18 -9.34 7.54
C LYS A 90 -6.32 -10.42 8.17
N MET A 91 -5.13 -10.66 7.64
CA MET A 91 -4.25 -11.71 8.16
C MET A 91 -3.14 -11.19 9.06
N ILE A 92 -3.04 -9.88 9.26
CA ILE A 92 -2.06 -9.32 10.19
C ILE A 92 -2.42 -9.76 11.61
N PRO A 93 -1.50 -10.40 12.35
CA PRO A 93 -1.82 -10.83 13.72
C PRO A 93 -2.31 -9.67 14.58
N GLY A 94 -3.50 -9.83 15.17
CA GLY A 94 -4.10 -8.80 16.00
C GLY A 94 -5.08 -7.90 15.27
N PHE A 95 -5.00 -7.80 13.94
CA PHE A 95 -5.85 -6.86 13.21
C PHE A 95 -7.33 -7.13 13.45
N ARG A 96 -7.71 -8.39 13.46
CA ARG A 96 -9.12 -8.81 13.68
C ARG A 96 -9.61 -8.53 15.10
N ASP A 97 -8.74 -8.32 16.07
CA ASP A 97 -9.17 -7.97 17.42
C ASP A 97 -9.64 -6.53 17.52
N LEU A 98 -9.39 -5.72 16.50
CA LEU A 98 -9.90 -4.35 16.47
C LEU A 98 -11.38 -4.36 16.15
N THR A 99 -12.06 -3.28 16.53
CA THR A 99 -13.45 -3.10 16.13
C THR A 99 -13.53 -2.91 14.62
N SER A 100 -14.72 -3.14 14.07
N SER A 100 -14.72 -3.13 14.07
CA SER A 100 -14.94 -2.93 12.65
CA SER A 100 -14.93 -2.93 12.64
C SER A 100 -14.66 -1.48 12.27
C SER A 100 -14.68 -1.48 12.26
N ASP A 101 -15.02 -0.54 13.14
CA ASP A 101 -14.75 0.87 12.89
C ASP A 101 -13.24 1.10 12.73
N ASP A 102 -12.44 0.56 13.65
CA ASP A 102 -11.00 0.79 13.61
C ASP A 102 -10.36 0.09 12.42
N GLN A 103 -10.82 -1.10 12.09
CA GLN A 103 -10.34 -1.76 10.86
C GLN A 103 -10.64 -0.90 9.65
N ILE A 104 -11.82 -0.29 9.59
CA ILE A 104 -12.20 0.51 8.44
C ILE A 104 -11.34 1.76 8.33
N VAL A 105 -11.18 2.48 9.45
CA VAL A 105 -10.42 3.73 9.38
C VAL A 105 -8.96 3.46 9.03
N LEU A 106 -8.39 2.36 9.56
CA LEU A 106 -7.00 2.03 9.24
C LEU A 106 -6.84 1.73 7.75
N LEU A 107 -7.77 0.96 7.18
CA LEU A 107 -7.67 0.62 5.76
C LEU A 107 -7.93 1.84 4.89
N LYS A 108 -8.95 2.65 5.22
CA LYS A 108 -9.22 3.86 4.47
C LYS A 108 -8.00 4.78 4.45
N SER A 109 -7.34 4.95 5.59
N SER A 109 -7.35 4.96 5.60
CA SER A 109 -6.23 5.89 5.67
CA SER A 109 -6.23 5.90 5.68
C SER A 109 -4.97 5.32 5.03
C SER A 109 -4.97 5.32 5.04
N SER A 110 -4.73 4.02 5.19
CA SER A 110 -3.48 3.41 4.72
C SER A 110 -3.54 2.88 3.29
N ALA A 111 -4.73 2.79 2.69
CA ALA A 111 -4.89 2.03 1.44
C ALA A 111 -3.90 2.50 0.38
N ILE A 112 -3.86 3.80 0.09
CA ILE A 112 -3.03 4.29 -1.00
C ILE A 112 -1.55 4.09 -0.69
N GLU A 113 -1.17 4.16 0.60
CA GLU A 113 0.23 3.94 0.96
C GLU A 113 0.65 2.50 0.73
N VAL A 114 -0.19 1.55 1.16
CA VAL A 114 0.14 0.14 0.96
C VAL A 114 0.17 -0.20 -0.52
N ILE A 115 -0.73 0.41 -1.30
CA ILE A 115 -0.71 0.19 -2.74
C ILE A 115 0.60 0.68 -3.35
N MET A 116 1.03 1.88 -2.94
CA MET A 116 2.32 2.39 -3.41
C MET A 116 3.47 1.50 -2.94
N LEU A 117 3.40 1.04 -1.69
CA LEU A 117 4.38 0.10 -1.16
C LEU A 117 4.39 -1.20 -1.98
N ARG A 118 3.22 -1.81 -2.15
CA ARG A 118 3.13 -3.07 -2.88
C ARG A 118 3.63 -2.91 -4.31
N SER A 119 3.37 -1.75 -4.92
CA SER A 119 3.77 -1.54 -6.31
C SER A 119 5.27 -1.56 -6.50
N ASN A 120 6.05 -1.41 -5.43
CA ASN A 120 7.51 -1.47 -5.56
C ASN A 120 7.96 -2.82 -6.10
N GLN A 121 7.18 -3.87 -5.87
CA GLN A 121 7.51 -5.19 -6.41
C GLN A 121 7.49 -5.20 -7.94
N SER A 122 6.64 -4.37 -8.55
CA SER A 122 6.60 -4.25 -9.99
C SER A 122 7.50 -3.14 -10.53
N PHE A 123 7.91 -2.20 -9.68
CA PHE A 123 8.75 -1.10 -10.13
C PHE A 123 10.12 -1.61 -10.55
N THR A 124 10.67 -1.03 -11.61
CA THR A 124 12.00 -1.37 -12.08
C THR A 124 12.79 -0.09 -12.31
N MET A 125 14.02 -0.05 -11.78
CA MET A 125 14.89 1.09 -12.01
C MET A 125 15.52 1.07 -13.39
N ASP A 126 15.35 -0.02 -14.15
CA ASP A 126 15.82 -0.06 -15.52
C ASP A 126 15.32 1.13 -16.32
N ASP A 127 14.01 1.43 -16.20
CA ASP A 127 13.46 2.61 -16.87
C ASP A 127 12.39 3.30 -16.02
N MET A 128 12.46 3.14 -14.70
CA MET A 128 11.65 3.92 -13.75
C MET A 128 10.15 3.75 -14.01
N SER A 129 9.71 2.50 -14.15
CA SER A 129 8.32 2.23 -14.47
C SER A 129 7.84 1.03 -13.65
N TRP A 130 6.51 0.90 -13.57
CA TRP A 130 5.88 -0.25 -12.92
C TRP A 130 5.54 -1.28 -13.99
N ASP A 131 6.31 -2.36 -14.04
CA ASP A 131 6.23 -3.37 -15.09
C ASP A 131 5.44 -4.56 -14.56
N CYS A 132 4.17 -4.65 -14.96
CA CYS A 132 3.27 -5.72 -14.51
C CYS A 132 3.05 -6.79 -15.58
N GLY A 133 4.09 -7.23 -16.27
CA GLY A 133 4.05 -8.44 -17.06
C GLY A 133 4.05 -8.25 -18.57
N SER A 134 3.65 -7.08 -19.07
CA SER A 134 3.58 -6.88 -20.51
C SER A 134 3.66 -5.39 -20.81
N GLN A 135 3.84 -5.07 -22.10
CA GLN A 135 3.93 -3.67 -22.52
C GLN A 135 2.66 -2.91 -22.20
N ASP A 136 1.50 -3.55 -22.36
CA ASP A 136 0.24 -2.89 -22.04
C ASP A 136 0.18 -2.53 -20.57
N TYR A 137 0.64 -3.43 -19.70
CA TYR A 137 0.61 -3.23 -18.25
C TYR A 137 1.95 -2.74 -17.71
N LYS A 138 2.61 -1.87 -18.46
CA LYS A 138 3.83 -1.21 -18.02
C LYS A 138 3.53 0.28 -17.93
N TYR A 139 3.60 0.82 -16.73
CA TYR A 139 3.15 2.19 -16.46
C TYR A 139 4.34 3.08 -16.11
N ASP A 140 4.48 4.18 -16.85
CA ASP A 140 5.50 5.18 -16.58
C ASP A 140 4.85 6.45 -16.07
N VAL A 141 5.67 7.48 -15.85
CA VAL A 141 5.17 8.73 -15.29
C VAL A 141 4.13 9.36 -16.22
N THR A 142 4.25 9.13 -17.52
CA THR A 142 3.26 9.65 -18.46
C THR A 142 1.90 9.00 -18.23
N ASP A 143 1.88 7.69 -17.97
CA ASP A 143 0.63 6.98 -17.71
C ASP A 143 -0.05 7.51 -16.45
N VAL A 144 0.73 7.70 -15.38
CA VAL A 144 0.16 8.23 -14.15
C VAL A 144 -0.36 9.65 -14.38
N SER A 145 0.34 10.43 -15.19
N SER A 145 0.32 10.43 -15.20
CA SER A 145 -0.13 11.76 -15.55
CA SER A 145 -0.17 11.77 -15.50
C SER A 145 -1.44 11.69 -16.33
C SER A 145 -1.45 11.71 -16.35
N LYS A 146 -1.58 10.70 -17.20
CA LYS A 146 -2.78 10.53 -18.00
C LYS A 146 -3.93 9.93 -17.21
N ALA A 147 -3.76 9.71 -15.91
CA ALA A 147 -4.86 9.38 -15.01
C ALA A 147 -5.33 10.58 -14.20
N GLY A 148 -4.69 11.74 -14.38
CA GLY A 148 -5.09 12.96 -13.73
C GLY A 148 -4.10 13.51 -12.72
N HIS A 149 -3.01 12.81 -12.44
CA HIS A 149 -2.09 13.27 -11.42
C HIS A 149 -0.95 14.08 -12.02
N THR A 150 -0.34 14.90 -11.17
CA THR A 150 0.67 15.87 -11.58
C THR A 150 2.02 15.55 -10.94
N LEU A 151 3.04 16.29 -11.37
CA LEU A 151 4.39 16.05 -10.86
C LEU A 151 4.51 16.28 -9.37
N GLU A 152 3.63 17.09 -8.78
CA GLU A 152 3.66 17.29 -7.32
C GLU A 152 3.54 15.97 -6.58
N LEU A 153 2.83 15.00 -7.16
CA LEU A 153 2.77 13.66 -6.62
C LEU A 153 3.79 12.74 -7.29
N ILE A 154 3.88 12.81 -8.62
CA ILE A 154 4.62 11.80 -9.37
C ILE A 154 6.12 11.88 -9.08
N GLU A 155 6.66 13.09 -8.93
CA GLU A 155 8.09 13.21 -8.65
C GLU A 155 8.48 12.60 -7.31
N PRO A 156 7.87 12.98 -6.18
CA PRO A 156 8.21 12.28 -4.93
C PRO A 156 7.83 10.81 -4.96
N LEU A 157 6.84 10.42 -5.77
CA LEU A 157 6.48 9.02 -5.89
C LEU A 157 7.62 8.22 -6.50
N ILE A 158 8.18 8.70 -7.61
CA ILE A 158 9.31 8.02 -8.24
C ILE A 158 10.49 7.97 -7.29
N LYS A 159 10.78 9.09 -6.62
CA LYS A 159 11.88 9.11 -5.66
C LYS A 159 11.66 8.10 -4.54
N PHE A 160 10.42 7.97 -4.08
CA PHE A 160 10.11 6.97 -3.06
C PHE A 160 10.38 5.56 -3.58
N GLN A 161 9.90 5.26 -4.79
CA GLN A 161 10.10 3.92 -5.36
C GLN A 161 11.58 3.61 -5.53
N VAL A 162 12.37 4.62 -5.91
CA VAL A 162 13.80 4.41 -6.09
C VAL A 162 14.48 4.17 -4.74
N GLY A 163 14.16 5.02 -3.75
CA GLY A 163 14.78 4.87 -2.44
C GLY A 163 14.41 3.56 -1.77
N LEU A 164 13.15 3.14 -1.91
CA LEU A 164 12.74 1.85 -1.37
C LEU A 164 13.48 0.72 -2.06
N LYS A 165 13.57 0.77 -3.38
CA LYS A 165 14.33 -0.23 -4.13
C LYS A 165 15.78 -0.28 -3.65
N LYS A 166 16.39 0.89 -3.41
CA LYS A 166 17.78 0.93 -2.97
C LYS A 166 17.98 0.30 -1.60
N LEU A 167 16.92 0.19 -0.80
CA LEU A 167 17.03 -0.50 0.47
C LEU A 167 17.25 -2.01 0.29
N ASN A 168 16.88 -2.54 -0.88
CA ASN A 168 16.86 -3.97 -1.17
C ASN A 168 16.38 -4.76 0.05
N LEU A 169 15.12 -4.55 0.41
CA LEU A 169 14.57 -5.24 1.57
C LEU A 169 14.43 -6.73 1.30
N HIS A 170 14.64 -7.52 2.34
CA HIS A 170 14.15 -8.89 2.32
C HIS A 170 12.63 -8.86 2.22
N GLU A 171 12.06 -9.90 1.60
CA GLU A 171 10.60 -9.99 1.56
C GLU A 171 10.03 -9.96 2.98
N GLU A 172 10.73 -10.59 3.93
CA GLU A 172 10.34 -10.51 5.33
C GLU A 172 10.20 -9.05 5.79
N GLU A 173 11.17 -8.21 5.42
CA GLU A 173 11.10 -6.80 5.79
C GLU A 173 9.99 -6.08 5.01
N HIS A 174 9.81 -6.45 3.73
CA HIS A 174 8.78 -5.81 2.91
C HIS A 174 7.39 -6.06 3.48
N VAL A 175 7.08 -7.30 3.87
CA VAL A 175 5.74 -7.59 4.36
C VAL A 175 5.55 -7.01 5.76
N LEU A 176 6.60 -6.97 6.57
CA LEU A 176 6.47 -6.32 7.87
C LEU A 176 6.18 -4.83 7.73
N LEU A 177 6.85 -4.18 6.77
CA LEU A 177 6.63 -2.75 6.57
C LEU A 177 5.19 -2.46 6.16
N MET A 178 4.63 -3.31 5.30
CA MET A 178 3.24 -3.13 4.91
C MET A 178 2.31 -3.27 6.11
N ALA A 179 2.56 -4.26 6.97
CA ALA A 179 1.71 -4.47 8.13
C ALA A 179 1.83 -3.31 9.11
N ILE A 180 3.05 -2.80 9.32
CA ILE A 180 3.25 -1.68 10.23
C ILE A 180 2.58 -0.41 9.68
N CYS A 181 2.68 -0.20 8.37
CA CYS A 181 1.96 0.90 7.71
C CYS A 181 0.48 0.90 8.06
N ILE A 182 -0.16 -0.26 7.96
CA ILE A 182 -1.61 -0.34 8.12
C ILE A 182 -2.03 -0.01 9.55
N VAL A 183 -1.39 -0.64 10.53
CA VAL A 183 -1.79 -0.50 11.92
C VAL A 183 -1.01 0.64 12.56
N SER A 184 -1.28 1.87 12.14
CA SER A 184 -0.66 3.06 12.73
C SER A 184 -1.66 3.71 13.67
N PRO A 185 -1.30 3.95 14.94
CA PRO A 185 -2.29 4.50 15.87
C PRO A 185 -2.61 5.97 15.66
N ASP A 186 -1.80 6.71 14.90
CA ASP A 186 -2.02 8.12 14.67
C ASP A 186 -2.86 8.40 13.43
N ARG A 187 -3.50 7.38 12.87
CA ARG A 187 -4.38 7.61 11.73
C ARG A 187 -5.62 8.38 12.17
N PRO A 188 -6.12 9.29 11.35
CA PRO A 188 -7.32 10.04 11.73
C PRO A 188 -8.53 9.13 11.87
N GLY A 189 -9.30 9.32 12.94
CA GLY A 189 -10.49 8.55 13.18
C GLY A 189 -10.31 7.32 14.03
N VAL A 190 -9.07 6.95 14.39
CA VAL A 190 -8.86 5.78 15.23
C VAL A 190 -9.50 6.02 16.60
N GLN A 191 -10.29 5.05 17.05
CA GLN A 191 -10.88 5.12 18.37
C GLN A 191 -9.96 4.50 19.40
N ASP A 192 -9.55 3.26 19.16
CA ASP A 192 -8.79 2.49 20.13
C ASP A 192 -7.30 2.55 19.79
N ALA A 193 -6.74 3.76 19.93
CA ALA A 193 -5.35 3.98 19.58
C ALA A 193 -4.40 3.15 20.45
N LYS A 194 -4.77 2.88 21.69
CA LYS A 194 -3.89 2.08 22.56
C LYS A 194 -3.77 0.65 22.04
N LEU A 195 -4.87 0.08 21.55
CA LEU A 195 -4.81 -1.28 21.01
C LEU A 195 -4.06 -1.30 19.68
N VAL A 196 -4.33 -0.33 18.81
CA VAL A 196 -3.61 -0.22 17.55
C VAL A 196 -2.10 -0.14 17.80
N GLU A 197 -1.70 0.70 18.75
CA GLU A 197 -0.28 0.81 19.07
C GLU A 197 0.29 -0.52 19.58
N ALA A 198 -0.48 -1.24 20.38
CA ALA A 198 -0.03 -2.54 20.88
C ALA A 198 0.24 -3.50 19.72
N ILE A 199 -0.69 -3.58 18.77
CA ILE A 199 -0.50 -4.47 17.62
C ILE A 199 0.71 -4.03 16.81
N GLN A 200 0.83 -2.72 16.55
CA GLN A 200 1.97 -2.22 15.78
C GLN A 200 3.28 -2.48 16.50
N ASP A 201 3.30 -2.28 17.83
CA ASP A 201 4.54 -2.46 18.59
C ASP A 201 5.07 -3.88 18.45
N ARG A 202 4.16 -4.87 18.45
CA ARG A 202 4.60 -6.26 18.28
C ARG A 202 5.20 -6.46 16.90
N LEU A 203 4.66 -5.79 15.88
CA LEU A 203 5.23 -5.89 14.54
C LEU A 203 6.56 -5.15 14.45
N SER A 204 6.64 -3.97 15.05
CA SER A 204 7.89 -3.19 14.99
C SER A 204 9.02 -3.93 15.71
N ASN A 205 8.74 -4.48 16.89
CA ASN A 205 9.76 -5.26 17.59
C ASN A 205 10.18 -6.47 16.76
N THR A 206 9.24 -7.11 16.08
CA THR A 206 9.58 -8.21 15.18
C THR A 206 10.51 -7.73 14.07
N LEU A 207 10.21 -6.57 13.47
CA LEU A 207 11.04 -6.04 12.39
C LEU A 207 12.45 -5.69 12.90
N GLN A 208 12.52 -4.98 14.03
CA GLN A 208 13.81 -4.58 14.58
C GLN A 208 14.66 -5.81 14.89
N THR A 209 14.06 -6.84 15.48
CA THR A 209 14.81 -8.04 15.83
C THR A 209 15.21 -8.82 14.58
N TYR A 210 14.34 -8.84 13.56
CA TYR A 210 14.68 -9.54 12.32
C TYR A 210 15.90 -8.91 11.67
N ILE A 211 15.94 -7.59 11.58
CA ILE A 211 17.09 -6.90 10.98
C ILE A 211 18.35 -7.22 11.76
N ARG A 212 18.27 -7.17 13.09
CA ARG A 212 19.44 -7.40 13.93
C ARG A 212 20.00 -8.80 13.73
N CYS A 213 19.12 -9.80 13.62
CA CYS A 213 19.53 -11.20 13.60
C CYS A 213 19.68 -11.77 12.20
N ARG A 214 19.05 -11.17 11.19
CA ARG A 214 18.99 -11.79 9.88
C ARG A 214 19.43 -10.92 8.72
N HIS A 215 19.61 -9.61 8.90
CA HIS A 215 20.08 -8.77 7.81
C HIS A 215 21.55 -8.47 8.01
N PRO A 216 22.45 -8.98 7.16
CA PRO A 216 23.88 -8.78 7.41
C PRO A 216 24.29 -7.36 7.06
N PRO A 217 25.33 -6.84 7.70
CA PRO A 217 25.91 -5.57 7.28
C PRO A 217 26.58 -5.72 5.93
N PRO A 218 26.74 -4.63 5.16
CA PRO A 218 26.41 -3.24 5.52
C PRO A 218 24.94 -2.86 5.28
N GLY A 219 24.20 -3.70 4.57
CA GLY A 219 22.81 -3.37 4.26
C GLY A 219 21.94 -3.15 5.48
N SER A 220 22.34 -3.69 6.63
CA SER A 220 21.57 -3.53 7.85
C SER A 220 21.71 -2.14 8.46
N HIS A 221 22.71 -1.36 8.02
CA HIS A 221 23.03 -0.09 8.66
C HIS A 221 21.83 0.84 8.73
N GLN A 222 21.37 1.12 9.96
CA GLN A 222 20.24 2.03 10.19
C GLN A 222 19.02 1.64 9.39
N LEU A 223 18.88 0.34 9.08
CA LEU A 223 17.81 -0.09 8.18
C LEU A 223 16.44 0.19 8.76
N TYR A 224 16.25 -0.05 10.06
CA TYR A 224 14.94 0.21 10.67
C TYR A 224 14.58 1.68 10.58
N ALA A 225 15.54 2.56 10.89
CA ALA A 225 15.27 4.00 10.78
C ALA A 225 14.94 4.39 9.34
N LYS A 226 15.67 3.83 8.37
CA LYS A 226 15.40 4.13 6.97
C LYS A 226 14.02 3.63 6.56
N MET A 227 13.60 2.48 7.09
CA MET A 227 12.27 1.96 6.77
C MET A 227 11.18 2.84 7.37
N ILE A 228 11.38 3.32 8.60
CA ILE A 228 10.40 4.20 9.20
C ILE A 228 10.36 5.54 8.47
N GLN A 229 11.52 6.01 7.97
CA GLN A 229 11.51 7.20 7.13
C GLN A 229 10.65 7.00 5.90
N LYS A 230 10.65 5.80 5.32
CA LYS A 230 9.80 5.52 4.18
C LYS A 230 8.32 5.59 4.55
N LEU A 231 7.98 5.21 5.79
CA LEU A 231 6.60 5.39 6.26
C LEU A 231 6.25 6.87 6.34
N ALA A 232 7.19 7.71 6.78
CA ALA A 232 6.98 9.14 6.76
C ALA A 232 6.78 9.65 5.34
N ASP A 233 7.60 9.17 4.40
CA ASP A 233 7.42 9.53 3.00
C ASP A 233 6.02 9.18 2.52
N LEU A 234 5.53 8.00 2.90
CA LEU A 234 4.20 7.58 2.46
C LEU A 234 3.11 8.48 3.01
N ARG A 235 3.27 8.95 4.24
CA ARG A 235 2.29 9.89 4.79
C ARG A 235 2.18 11.14 3.94
N SER A 236 3.32 11.67 3.49
CA SER A 236 3.31 12.86 2.66
C SER A 236 2.75 12.57 1.27
N LEU A 237 3.09 11.41 0.71
CA LEU A 237 2.50 10.99 -0.56
C LEU A 237 1.00 10.81 -0.42
N ASN A 238 0.56 10.22 0.70
CA ASN A 238 -0.87 10.09 0.98
C ASN A 238 -1.55 11.44 0.97
N GLU A 239 -0.95 12.43 1.65
N GLU A 239 -0.95 12.44 1.63
CA GLU A 239 -1.55 13.76 1.72
CA GLU A 239 -1.57 13.75 1.71
C GLU A 239 -1.67 14.38 0.33
C GLU A 239 -1.67 14.42 0.34
N GLU A 240 -0.63 14.27 -0.49
CA GLU A 240 -0.67 14.86 -1.82
C GLU A 240 -1.64 14.10 -2.73
N HIS A 241 -1.70 12.78 -2.61
CA HIS A 241 -2.68 12.03 -3.39
C HIS A 241 -4.10 12.43 -3.03
N SER A 242 -4.37 12.67 -1.74
CA SER A 242 -5.69 13.08 -1.31
C SER A 242 -6.09 14.40 -1.99
N LYS A 243 -5.16 15.36 -2.01
CA LYS A 243 -5.44 16.65 -2.65
C LYS A 243 -5.79 16.48 -4.12
N GLN A 244 -4.97 15.73 -4.85
CA GLN A 244 -5.20 15.55 -6.29
C GLN A 244 -6.45 14.71 -6.52
N TYR A 245 -6.69 13.72 -5.67
CA TYR A 245 -7.91 12.92 -5.80
C TYR A 245 -9.15 13.76 -5.56
N ARG A 246 -9.13 14.59 -4.51
CA ARG A 246 -10.27 15.46 -4.24
C ARG A 246 -10.53 16.39 -5.42
N SER A 247 -9.47 16.99 -5.96
CA SER A 247 -9.62 17.85 -7.14
C SER A 247 -10.15 17.04 -8.33
N LEU A 248 -9.59 15.86 -8.54
CA LEU A 248 -10.02 15.02 -9.66
C LEU A 248 -11.46 14.56 -9.50
N SER A 249 -11.78 13.99 -8.34
CA SER A 249 -13.11 13.44 -8.10
C SER A 249 -14.18 14.52 -7.94
N PHE A 250 -13.77 15.78 -7.69
CA PHE A 250 -14.75 16.86 -7.62
C PHE A 250 -15.49 17.04 -8.93
N GLN A 251 -14.88 16.64 -10.04
CA GLN A 251 -15.49 16.77 -11.35
C GLN A 251 -16.29 15.50 -11.66
N PRO A 252 -17.60 15.58 -11.84
CA PRO A 252 -18.40 14.37 -12.06
C PRO A 252 -17.96 13.57 -13.27
N GLU A 253 -17.48 14.23 -14.33
CA GLU A 253 -16.96 13.52 -15.50
C GLU A 253 -15.83 12.57 -15.12
N ASN A 254 -15.03 12.93 -14.11
CA ASN A 254 -13.96 12.05 -13.65
C ASN A 254 -14.49 11.00 -12.68
N SER A 255 -15.33 11.41 -11.73
CA SER A 255 -15.88 10.46 -10.76
C SER A 255 -16.66 9.35 -11.44
N MET A 256 -17.29 9.65 -12.58
CA MET A 256 -17.97 8.61 -13.36
C MET A 256 -17.04 7.49 -13.75
N LYS A 257 -15.75 7.80 -13.98
CA LYS A 257 -14.79 6.82 -14.44
C LYS A 257 -14.14 6.04 -13.31
N LEU A 258 -14.39 6.42 -12.05
CA LEU A 258 -13.87 5.66 -10.92
C LEU A 258 -14.73 4.41 -10.71
N THR A 259 -14.37 3.61 -9.71
CA THR A 259 -15.13 2.44 -9.35
C THR A 259 -15.89 2.69 -8.05
N PRO A 260 -16.95 1.92 -7.78
CA PRO A 260 -17.66 2.11 -6.51
C PRO A 260 -16.78 1.91 -5.29
N LEU A 261 -15.89 0.92 -5.32
CA LEU A 261 -15.01 0.67 -4.17
C LEU A 261 -14.05 1.84 -3.95
N VAL A 262 -13.50 2.38 -5.03
CA VAL A 262 -12.58 3.51 -4.90
C VAL A 262 -13.30 4.72 -4.31
N LEU A 263 -14.53 4.97 -4.75
CA LEU A 263 -15.28 6.10 -4.21
C LEU A 263 -15.58 5.91 -2.73
N GLU A 264 -15.90 4.69 -2.32
CA GLU A 264 -16.18 4.44 -0.91
C GLU A 264 -14.93 4.64 -0.05
N VAL A 265 -13.78 4.14 -0.53
CA VAL A 265 -12.58 4.17 0.30
C VAL A 265 -11.94 5.55 0.31
N PHE A 266 -11.84 6.19 -0.86
CA PHE A 266 -11.15 7.48 -0.95
C PHE A 266 -12.08 8.68 -0.82
N GLY A 267 -13.38 8.51 -1.04
CA GLY A 267 -14.31 9.61 -0.85
C GLY A 267 -15.06 10.00 -2.10
N ASN A 268 -16.19 10.70 -1.92
CA ASN A 268 -17.01 11.16 -3.04
C ASN A 268 -16.89 12.67 -3.22
N ASN B 2 -22.56 3.18 5.62
CA ASN B 2 -21.49 4.14 5.38
C ASN B 2 -20.37 3.53 4.54
N HIS B 3 -19.97 2.30 4.85
CA HIS B 3 -18.90 1.61 4.13
C HIS B 3 -19.29 0.15 3.87
N PRO B 4 -20.37 -0.08 3.12
CA PRO B 4 -20.83 -1.47 2.93
C PRO B 4 -19.84 -2.34 2.17
N MET B 5 -19.19 -1.81 1.14
CA MET B 5 -18.26 -2.62 0.35
C MET B 5 -17.01 -2.95 1.16
N LEU B 6 -16.48 -1.96 1.89
CA LEU B 6 -15.38 -2.23 2.81
C LEU B 6 -15.77 -3.26 3.86
N MET B 7 -16.95 -3.09 4.47
CA MET B 7 -17.41 -4.02 5.49
C MET B 7 -17.50 -5.44 4.96
N ASN B 8 -18.07 -5.60 3.77
CA ASN B 8 -18.27 -6.94 3.22
C ASN B 8 -16.94 -7.61 2.90
N LEU B 9 -15.96 -6.84 2.42
CA LEU B 9 -14.65 -7.41 2.17
C LEU B 9 -13.92 -7.74 3.47
N LEU B 10 -14.25 -7.03 4.56
CA LEU B 10 -13.66 -7.32 5.85
C LEU B 10 -14.29 -8.52 6.56
N LYS B 11 -15.43 -9.00 6.07
CA LYS B 11 -16.17 -10.10 6.71
C LYS B 11 -15.35 -11.39 6.72
C13 A1MAX C . 0.12 0.48 -9.05
C15 A1MAX C . -3.29 4.98 -9.88
C17 A1MAX C . -4.71 6.63 -8.73
C20 A1MAX C . 0.98 -0.28 -9.86
C21 A1MAX C . 0.98 -1.67 -9.82
C22 A1MAX C . 0.07 -2.30 -8.97
C24 A1MAX C . -0.81 -0.15 -8.22
C28 A1MAX C . -0.92 -4.24 -8.12
B02 A1MAX C . -0.95 2.83 -8.11
B04 A1MAX C . -1.00 2.89 -9.89
B05 A1MAX C . 0.67 2.80 -10.49
B06 A1MAX C . 1.55 4.23 -9.92
B07 A1MAX C . 1.74 2.69 -9.09
B08 A1MAX C . 0.74 2.70 -7.62
B09 A1MAX C . -0.07 4.27 -7.53
B10 A1MAX C . 0.43 5.21 -8.96
B11 A1MAX C . 1.58 4.17 -8.15
B12 A1MAX C . -0.15 4.37 -10.42
C01 A1MAX C . 0.19 1.97 -9.07
C03 A1MAX C . -1.03 4.32 -8.96
C14 A1MAX C . -2.33 5.11 -8.89
C16 A1MAX C . -4.49 5.72 -9.80
C18 A1MAX C . -3.73 6.78 -7.73
C19 A1MAX C . -2.55 6.02 -7.82
C23 A1MAX C . -0.84 -1.56 -8.17
C25 A1MAX C . -6.04 7.43 -8.61
C29 A1MAX C . -0.23 -5.45 -7.52
C30 A1MAX C . -6.61 7.83 -10.00
C34 A1MAX C . -7.05 6.52 -7.85
C38 A1MAX C . -1.27 -6.35 -6.91
F31 A1MAX C . -5.65 8.52 -10.65
F32 A1MAX C . -7.02 6.78 -10.76
F33 A1MAX C . -7.68 8.63 -9.78
F35 A1MAX C . -6.49 6.28 -6.62
F36 A1MAX C . -8.25 7.15 -7.68
F37 A1MAX C . -7.25 5.34 -8.50
O26 A1MAX C . -5.87 8.57 -7.78
O27 A1MAX C . 0.05 -3.71 -8.98
O39 A1MAX C . -1.39 -7.53 -7.32
O40 A1MAX C . -2.01 -5.93 -5.99
#